data_7SFP
#
_entry.id   7SFP
#
_cell.length_a   53.953
_cell.length_b   53.953
_cell.length_c   245.110
_cell.angle_alpha   90.000
_cell.angle_beta   90.000
_cell.angle_gamma   120.000
#
_symmetry.space_group_name_H-M   'P 65 2 2'
#
loop_
_entity.id
_entity.type
_entity.pdbx_description
1 polymer Spirocyclase
2 water water
#
_entity_poly.entity_id   1
_entity_poly.type   'polypeptide(L)'
_entity_poly.pdbx_seq_one_letter_code
;MGSSHHHHHHSSGLVPRGSHMWSHPQFEKENLYFQSMSAQPIQSSDDALRDSVPAESGEVAFPGRPDVAVEMRQLDFLLG
DFRIEYTNLTTETVTTGEATCSTRPLADGRFYELTQRVPVPGLVATWLIGWSDVDNRFVSFYYDDWGHHGRFTGPGWVDG
HFKLTGDSAVFGARHGFVEDFEIVDSDHLVKHGFVVVGDDLVPGDILHFHRI
;
_entity_poly.pdbx_strand_id   A
#
# COMPACT_ATOMS: atom_id res chain seq x y z
N PHE A 62 12.57 24.11 -22.28
CA PHE A 62 12.05 22.90 -21.65
C PHE A 62 10.85 22.35 -22.42
N PRO A 63 10.66 21.01 -22.39
CA PRO A 63 9.56 20.40 -23.15
C PRO A 63 8.20 20.65 -22.52
N GLY A 64 7.13 20.18 -23.17
CA GLY A 64 5.80 20.31 -22.61
C GLY A 64 5.59 19.37 -21.44
N ARG A 65 4.52 19.62 -20.69
CA ARG A 65 4.18 18.76 -19.57
C ARG A 65 3.49 17.49 -20.06
N PRO A 66 4.06 16.32 -19.84
CA PRO A 66 3.43 15.08 -20.33
C PRO A 66 2.09 14.86 -19.67
N ASP A 67 1.25 14.06 -20.34
CA ASP A 67 -0.02 13.64 -19.78
C ASP A 67 0.21 12.63 -18.66
N VAL A 68 -0.78 12.53 -17.77
CA VAL A 68 -0.76 11.50 -16.73
C VAL A 68 -0.65 10.15 -17.40
N ALA A 69 0.31 9.34 -16.94
CA ALA A 69 0.45 7.99 -17.50
C ALA A 69 -0.86 7.22 -17.38
N VAL A 70 -1.22 6.49 -18.44
CA VAL A 70 -2.43 5.66 -18.40
C VAL A 70 -2.33 4.65 -17.26
N GLU A 71 -1.12 4.21 -16.95
CA GLU A 71 -0.94 3.27 -15.86
C GLU A 71 -1.52 3.79 -14.56
N MET A 72 -1.64 5.12 -14.40
CA MET A 72 -2.24 5.65 -13.19
C MET A 72 -3.68 5.21 -13.02
N ARG A 73 -4.37 4.89 -14.11
CA ARG A 73 -5.73 4.39 -13.97
C ARG A 73 -5.77 3.06 -13.22
N GLN A 74 -4.65 2.33 -13.15
CA GLN A 74 -4.60 1.06 -12.42
C GLN A 74 -4.76 1.24 -10.93
N LEU A 75 -4.64 2.48 -10.44
CA LEU A 75 -4.73 2.79 -9.02
C LEU A 75 -6.08 3.37 -8.62
N ASP A 76 -6.95 3.65 -9.59
CA ASP A 76 -8.25 4.23 -9.28
C ASP A 76 -9.08 3.36 -8.34
N PHE A 77 -8.86 2.03 -8.34
CA PHE A 77 -9.57 1.15 -7.41
C PHE A 77 -9.38 1.54 -5.95
N LEU A 78 -8.33 2.31 -5.62
CA LEU A 78 -8.01 2.74 -4.27
C LEU A 78 -8.58 4.09 -3.88
N LEU A 79 -8.99 4.89 -4.86
CA LEU A 79 -9.55 6.22 -4.58
C LEU A 79 -10.72 6.13 -3.62
N GLY A 80 -10.78 7.06 -2.69
CA GLY A 80 -11.90 7.19 -1.80
C GLY A 80 -11.53 6.87 -0.37
N ASP A 81 -12.58 6.68 0.43
CA ASP A 81 -12.47 6.41 1.85
C ASP A 81 -12.93 4.99 2.14
N PHE A 82 -12.15 4.29 2.94
CA PHE A 82 -12.44 2.91 3.28
C PHE A 82 -12.38 2.71 4.77
N ARG A 83 -13.32 1.94 5.29
CA ARG A 83 -13.18 1.34 6.61
C ARG A 83 -12.34 0.08 6.46
N ILE A 84 -11.36 -0.10 7.35
CA ILE A 84 -10.43 -1.22 7.27
C ILE A 84 -10.70 -2.16 8.43
N GLU A 85 -10.83 -3.45 8.12
CA GLU A 85 -10.79 -4.49 9.13
C GLU A 85 -9.38 -5.04 9.00
N TYR A 86 -8.52 -4.72 9.95
CA TYR A 86 -7.13 -5.12 9.88
C TYR A 86 -6.91 -6.28 10.83
N THR A 87 -6.26 -7.31 10.34
CA THR A 87 -5.96 -8.51 11.11
C THR A 87 -4.45 -8.66 11.09
N ASN A 88 -3.83 -8.50 12.26
CA ASN A 88 -2.38 -8.57 12.38
C ASN A 88 -1.99 -9.98 12.76
N LEU A 89 -1.17 -10.62 11.92
CA LEU A 89 -0.94 -12.05 12.05
C LEU A 89 0.38 -12.40 12.72
N THR A 90 1.25 -11.42 12.94
CA THR A 90 2.57 -11.70 13.51
C THR A 90 2.61 -11.56 15.01
N THR A 91 1.66 -10.84 15.61
CA THR A 91 1.50 -10.85 17.04
C THR A 91 1.16 -12.25 17.52
N GLU A 92 1.52 -12.56 18.76
CA GLU A 92 1.30 -13.90 19.27
C GLU A 92 -0.08 -14.08 19.90
N THR A 93 -0.95 -13.08 19.75
CA THR A 93 -2.39 -13.28 19.67
C THR A 93 -2.81 -12.52 18.42
N VAL A 94 -3.65 -13.14 17.59
CA VAL A 94 -4.02 -12.47 16.36
C VAL A 94 -4.92 -11.29 16.71
N THR A 95 -4.42 -10.08 16.45
CA THR A 95 -4.97 -8.85 16.99
C THR A 95 -6.42 -8.58 16.58
N THR A 96 -6.60 -8.24 15.30
CA THR A 96 -7.84 -7.78 14.67
C THR A 96 -8.40 -6.49 15.26
N GLY A 97 -8.88 -5.61 14.38
CA GLY A 97 -9.30 -4.29 14.80
C GLY A 97 -9.76 -3.50 13.59
N GLU A 98 -10.16 -2.25 13.83
CA GLU A 98 -10.78 -1.41 12.83
C GLU A 98 -9.93 -0.16 12.60
N ALA A 99 -9.74 0.20 11.34
CA ALA A 99 -8.99 1.41 10.98
C ALA A 99 -9.71 2.08 9.82
N THR A 100 -9.19 3.22 9.39
CA THR A 100 -9.72 3.89 8.21
C THR A 100 -8.57 4.29 7.31
N CYS A 101 -8.89 4.65 6.08
CA CYS A 101 -7.85 5.14 5.18
C CYS A 101 -8.48 5.93 4.05
N SER A 102 -7.71 6.87 3.53
CA SER A 102 -8.16 7.78 2.49
C SER A 102 -7.08 7.86 1.44
N THR A 103 -7.47 7.75 0.17
CA THR A 103 -6.55 7.88 -0.94
C THR A 103 -6.99 9.04 -1.81
N ARG A 104 -6.09 9.98 -2.03
CA ARG A 104 -6.35 11.15 -2.86
C ARG A 104 -5.21 11.34 -3.83
N PRO A 105 -5.49 11.90 -5.01
CA PRO A 105 -4.42 12.24 -5.94
C PRO A 105 -3.65 13.44 -5.45
N LEU A 106 -2.35 13.44 -5.71
CA LEU A 106 -1.49 14.57 -5.43
C LEU A 106 -0.81 14.96 -6.73
N ALA A 107 -0.15 16.11 -6.73
CA ALA A 107 0.67 16.52 -7.87
C ALA A 107 -0.12 16.42 -9.17
N ASP A 108 -1.33 16.97 -9.14
CA ASP A 108 -2.21 17.02 -10.32
C ASP A 108 -2.47 15.62 -10.86
N GLY A 109 -2.58 14.64 -9.97
CA GLY A 109 -2.95 13.29 -10.34
C GLY A 109 -1.79 12.42 -10.78
N ARG A 110 -0.57 12.91 -10.71
CA ARG A 110 0.59 12.12 -11.12
C ARG A 110 1.04 11.15 -10.05
N PHE A 111 0.65 11.38 -8.80
CA PHE A 111 0.93 10.45 -7.70
C PHE A 111 -0.31 10.34 -6.83
N TYR A 112 -0.47 9.19 -6.18
CA TYR A 112 -1.57 8.98 -5.26
C TYR A 112 -1.03 8.87 -3.85
N GLU A 113 -1.76 9.46 -2.89
CA GLU A 113 -1.42 9.38 -1.48
C GLU A 113 -2.47 8.55 -0.75
N LEU A 114 -2.06 7.42 -0.17
CA LEU A 114 -2.91 6.62 0.69
C LEU A 114 -2.51 6.87 2.14
N THR A 115 -3.42 7.41 2.93
CA THR A 115 -3.20 7.64 4.35
C THR A 115 -4.02 6.63 5.16
N GLN A 116 -3.34 5.83 5.96
CA GLN A 116 -3.96 4.80 6.79
C GLN A 116 -3.81 5.17 8.26
N ARG A 117 -4.94 5.42 8.94
CA ARG A 117 -4.93 5.79 10.35
C ARG A 117 -5.32 4.58 11.18
N VAL A 118 -4.35 4.02 11.90
CA VAL A 118 -4.54 2.83 12.71
C VAL A 118 -4.74 3.23 14.17
N PRO A 119 -5.97 3.21 14.69
CA PRO A 119 -6.25 3.85 15.98
C PRO A 119 -5.46 3.39 17.19
N VAL A 120 -5.58 2.12 17.63
CA VAL A 120 -5.13 1.80 18.99
C VAL A 120 -3.65 1.42 19.10
N PRO A 121 -2.97 0.95 18.05
CA PRO A 121 -1.50 1.07 18.10
C PRO A 121 -1.07 2.52 18.20
N GLY A 122 -1.80 3.41 17.54
CA GLY A 122 -1.45 4.81 17.48
C GLY A 122 -0.44 5.01 16.37
N LEU A 123 -0.92 5.07 15.12
CA LEU A 123 0.00 5.15 14.01
C LEU A 123 -0.73 5.69 12.79
N VAL A 124 -0.15 6.73 12.17
CA VAL A 124 -0.62 7.26 10.90
C VAL A 124 0.46 6.99 9.86
N ALA A 125 0.11 6.18 8.86
CA ALA A 125 1.02 5.71 7.84
C ALA A 125 0.58 6.26 6.49
N THR A 126 1.54 6.71 5.69
CA THR A 126 1.26 7.24 4.37
C THR A 126 2.04 6.49 3.29
N TRP A 127 1.38 6.21 2.19
CA TRP A 127 2.01 5.63 1.02
C TRP A 127 1.83 6.61 -0.11
N LEU A 128 2.91 6.93 -0.80
CA LEU A 128 2.84 7.68 -2.04
C LEU A 128 3.19 6.73 -3.17
N ILE A 129 2.41 6.75 -4.25
CA ILE A 129 2.62 5.80 -5.32
C ILE A 129 2.36 6.47 -6.66
N GLY A 130 3.21 6.19 -7.63
CA GLY A 130 2.98 6.70 -8.96
C GLY A 130 3.68 5.82 -9.97
N TRP A 131 3.33 6.02 -11.24
CA TRP A 131 3.98 5.31 -12.33
C TRP A 131 5.23 6.04 -12.74
N SER A 132 6.28 5.28 -13.04
CA SER A 132 7.54 5.82 -13.50
C SER A 132 7.75 5.35 -14.94
N ASP A 133 7.69 6.30 -15.89
CA ASP A 133 7.92 5.96 -17.29
C ASP A 133 9.29 5.32 -17.49
N VAL A 134 10.33 5.92 -16.88
CA VAL A 134 11.70 5.48 -17.13
C VAL A 134 11.95 4.08 -16.60
N ASP A 135 11.29 3.72 -15.49
CA ASP A 135 11.48 2.41 -14.89
C ASP A 135 10.48 1.37 -15.37
N ASN A 136 9.37 1.80 -15.97
CA ASN A 136 8.32 0.88 -16.42
C ASN A 136 7.78 0.07 -15.25
N ARG A 137 7.46 0.76 -14.16
CA ARG A 137 6.86 0.11 -13.01
C ARG A 137 6.34 1.20 -12.11
N PHE A 138 5.44 0.84 -11.21
CA PHE A 138 5.07 1.79 -10.16
C PHE A 138 6.22 1.90 -9.17
N VAL A 139 6.33 3.07 -8.57
CA VAL A 139 7.29 3.32 -7.51
C VAL A 139 6.52 3.88 -6.33
N SER A 140 6.99 3.59 -5.12
CA SER A 140 6.20 3.98 -3.96
C SER A 140 7.12 4.30 -2.79
N PHE A 141 6.75 5.32 -2.02
CA PHE A 141 7.46 5.70 -0.81
C PHE A 141 6.50 5.57 0.36
N TYR A 142 6.95 4.94 1.44
CA TYR A 142 6.16 4.77 2.64
C TYR A 142 6.83 5.52 3.79
N TYR A 143 6.02 6.15 4.65
CA TYR A 143 6.52 6.77 5.88
C TYR A 143 5.38 6.89 6.87
N ASP A 144 5.71 6.94 8.16
CA ASP A 144 4.68 7.08 9.17
C ASP A 144 5.18 7.93 10.32
N ASP A 145 4.26 8.26 11.23
CA ASP A 145 4.61 9.07 12.39
C ASP A 145 5.29 8.29 13.48
N TRP A 146 5.89 7.15 13.17
CA TRP A 146 6.82 6.50 14.08
C TRP A 146 8.26 6.60 13.63
N GLY A 147 8.53 7.26 12.49
CA GLY A 147 9.86 7.36 11.96
C GLY A 147 10.20 6.31 10.93
N HIS A 148 9.29 5.39 10.66
CA HIS A 148 9.55 4.33 9.68
C HIS A 148 9.43 4.87 8.27
N HIS A 149 10.23 4.32 7.37
CA HIS A 149 10.16 4.64 5.96
C HIS A 149 10.39 3.37 5.16
N GLY A 150 9.97 3.36 3.89
CA GLY A 150 10.20 2.23 3.01
C GLY A 150 10.10 2.61 1.56
N ARG A 151 10.65 1.74 0.67
CA ARG A 151 10.65 1.88 -0.78
C ARG A 151 10.03 0.63 -1.38
N PHE A 152 9.03 0.79 -2.25
CA PHE A 152 8.36 -0.34 -2.93
C PHE A 152 8.29 -0.08 -4.43
N THR A 153 8.18 -1.16 -5.18
CA THR A 153 7.87 -1.08 -6.60
C THR A 153 6.93 -2.22 -6.95
N GLY A 154 6.28 -2.11 -8.11
CA GLY A 154 5.47 -3.18 -8.61
C GLY A 154 5.23 -3.02 -10.10
N PRO A 155 4.81 -4.10 -10.77
CA PRO A 155 4.59 -4.04 -12.22
C PRO A 155 3.22 -3.53 -12.61
N GLY A 156 2.29 -3.38 -11.67
CA GLY A 156 0.90 -3.22 -12.02
C GLY A 156 0.12 -4.49 -11.77
N TRP A 157 -1.10 -4.51 -12.34
CA TRP A 157 -2.00 -5.64 -12.20
C TRP A 157 -1.48 -6.79 -13.05
N VAL A 158 -1.26 -7.94 -12.41
CA VAL A 158 -0.74 -9.13 -13.09
C VAL A 158 -1.53 -10.30 -12.54
N ASP A 159 -2.33 -10.94 -13.39
CA ASP A 159 -3.11 -12.12 -13.01
C ASP A 159 -3.96 -11.85 -11.77
N GLY A 160 -4.59 -10.67 -11.73
CA GLY A 160 -5.57 -10.40 -10.71
C GLY A 160 -5.01 -9.93 -9.40
N HIS A 161 -3.70 -9.72 -9.32
CA HIS A 161 -3.07 -9.17 -8.14
C HIS A 161 -2.28 -7.93 -8.52
N PHE A 162 -2.23 -7.01 -7.58
CA PHE A 162 -1.40 -5.82 -7.64
C PHE A 162 -0.40 -5.96 -6.49
N LYS A 163 0.83 -6.35 -6.81
CA LYS A 163 1.85 -6.56 -5.78
C LYS A 163 2.87 -5.43 -5.78
N LEU A 164 3.15 -4.90 -4.60
CA LEU A 164 4.27 -4.01 -4.38
C LEU A 164 5.33 -4.75 -3.59
N THR A 165 6.55 -4.72 -4.07
CA THR A 165 7.62 -5.39 -3.36
C THR A 165 8.70 -4.37 -2.99
N GLY A 166 9.20 -4.50 -1.78
CA GLY A 166 10.26 -3.60 -1.33
C GLY A 166 10.67 -3.92 0.09
N ASP A 167 11.28 -2.92 0.74
CA ASP A 167 11.76 -3.06 2.10
C ASP A 167 11.42 -1.81 2.90
N SER A 168 11.38 -1.97 4.21
CA SER A 168 11.07 -0.88 5.12
C SER A 168 11.88 -1.04 6.37
N ALA A 169 12.36 0.10 6.89
CA ALA A 169 12.99 0.19 8.19
C ALA A 169 11.88 0.39 9.22
N VAL A 170 11.53 -0.69 9.93
CA VAL A 170 10.53 -0.65 10.98
C VAL A 170 11.13 -1.28 12.23
N PHE A 171 10.92 -0.62 13.37
CA PHE A 171 11.29 -1.14 14.69
C PHE A 171 12.75 -1.54 14.76
N GLY A 172 13.62 -0.66 14.26
CA GLY A 172 15.04 -0.79 14.44
C GLY A 172 15.76 -1.70 13.48
N ALA A 173 15.08 -2.24 12.46
CA ALA A 173 15.76 -3.07 11.49
C ALA A 173 15.03 -3.03 10.16
N ARG A 174 15.75 -3.37 9.09
CA ARG A 174 15.22 -3.39 7.74
C ARG A 174 14.63 -4.76 7.43
N HIS A 175 13.44 -4.79 6.86
CA HIS A 175 12.78 -6.04 6.51
C HIS A 175 12.20 -5.95 5.11
N GLY A 176 12.16 -7.07 4.41
CA GLY A 176 11.47 -7.12 3.12
C GLY A 176 9.98 -7.34 3.33
N PHE A 177 9.18 -6.67 2.51
CA PHE A 177 7.73 -6.76 2.59
C PHE A 177 7.16 -6.94 1.20
N VAL A 178 6.00 -7.59 1.14
CA VAL A 178 5.22 -7.68 -0.09
C VAL A 178 3.79 -7.33 0.26
N GLU A 179 3.24 -6.33 -0.39
CA GLU A 179 1.83 -6.00 -0.27
C GLU A 179 1.09 -6.53 -1.50
N ASP A 180 0.09 -7.38 -1.26
CA ASP A 180 -0.61 -8.10 -2.32
C ASP A 180 -2.06 -7.61 -2.33
N PHE A 181 -2.43 -6.80 -3.33
CA PHE A 181 -3.80 -6.29 -3.45
C PHE A 181 -4.63 -7.08 -4.43
N GLU A 182 -5.89 -7.29 -4.07
CA GLU A 182 -6.90 -7.90 -4.92
C GLU A 182 -8.20 -7.16 -4.74
N ILE A 183 -9.01 -7.11 -5.80
CA ILE A 183 -10.35 -6.56 -5.73
C ILE A 183 -11.34 -7.69 -5.56
N VAL A 184 -12.20 -7.58 -4.55
CA VAL A 184 -13.29 -8.52 -4.38
C VAL A 184 -14.52 -8.05 -5.13
N ASP A 185 -14.89 -6.79 -4.93
CA ASP A 185 -15.88 -6.12 -5.75
C ASP A 185 -15.52 -4.64 -5.75
N SER A 186 -16.28 -3.85 -6.50
CA SER A 186 -15.91 -2.44 -6.66
C SER A 186 -15.79 -1.73 -5.32
N ASP A 187 -16.43 -2.24 -4.26
CA ASP A 187 -16.46 -1.59 -2.95
C ASP A 187 -15.73 -2.36 -1.86
N HIS A 188 -14.94 -3.35 -2.23
CA HIS A 188 -14.35 -4.25 -1.23
C HIS A 188 -13.00 -4.70 -1.76
N LEU A 189 -11.91 -4.23 -1.15
CA LEU A 189 -10.57 -4.64 -1.50
C LEU A 189 -10.01 -5.49 -0.37
N VAL A 190 -9.12 -6.42 -0.72
CA VAL A 190 -8.35 -7.16 0.26
C VAL A 190 -6.88 -6.93 -0.02
N LYS A 191 -6.08 -6.90 1.04
CA LYS A 191 -4.63 -6.84 0.95
C LYS A 191 -4.02 -7.89 1.85
N HIS A 192 -3.13 -8.71 1.29
CA HIS A 192 -2.33 -9.61 2.07
C HIS A 192 -0.95 -8.97 2.19
N GLY A 193 -0.47 -8.86 3.42
CA GLY A 193 0.88 -8.41 3.68
C GLY A 193 1.73 -9.60 4.05
N PHE A 194 2.95 -9.64 3.51
CA PHE A 194 3.90 -10.69 3.83
C PHE A 194 5.23 -10.05 4.19
N VAL A 195 5.96 -10.68 5.09
CA VAL A 195 7.28 -10.20 5.48
C VAL A 195 8.29 -11.30 5.16
N VAL A 196 9.38 -10.91 4.52
CA VAL A 196 10.46 -11.86 4.25
C VAL A 196 11.11 -12.25 5.57
N VAL A 197 11.02 -13.53 5.92
CA VAL A 197 11.74 -14.11 7.03
C VAL A 197 12.57 -15.26 6.47
N GLY A 198 13.88 -15.15 6.58
CA GLY A 198 14.72 -16.11 5.89
C GLY A 198 14.39 -16.07 4.41
N ASP A 199 14.04 -17.22 3.85
CA ASP A 199 13.82 -17.34 2.41
C ASP A 199 12.36 -17.28 1.99
N ASP A 200 11.43 -17.42 2.92
CA ASP A 200 10.01 -17.51 2.58
C ASP A 200 9.28 -16.23 2.99
N LEU A 201 8.02 -16.14 2.57
CA LEU A 201 7.16 -15.01 2.87
C LEU A 201 6.19 -15.42 3.97
N VAL A 202 6.30 -14.80 5.14
CA VAL A 202 5.43 -15.10 6.27
C VAL A 202 4.22 -14.19 6.22
N PRO A 203 3.00 -14.72 6.40
CA PRO A 203 1.81 -13.85 6.44
C PRO A 203 1.91 -12.80 7.53
N GLY A 204 1.92 -11.54 7.12
CA GLY A 204 2.11 -10.44 8.06
C GLY A 204 0.79 -9.88 8.55
N ASP A 205 -0.12 -9.61 7.61
CA ASP A 205 -1.45 -9.14 7.96
C ASP A 205 -2.39 -9.38 6.77
N ILE A 206 -3.68 -9.24 7.04
CA ILE A 206 -4.69 -9.15 6.00
C ILE A 206 -5.60 -7.97 6.32
N LEU A 207 -5.91 -7.18 5.29
CA LEU A 207 -6.74 -6.00 5.45
C LEU A 207 -7.91 -6.10 4.48
N HIS A 208 -9.12 -5.93 5.00
CA HIS A 208 -10.32 -5.81 4.19
C HIS A 208 -10.72 -4.35 4.15
N PHE A 209 -10.88 -3.80 2.95
CA PHE A 209 -11.27 -2.41 2.75
C PHE A 209 -12.72 -2.40 2.29
N HIS A 210 -13.60 -1.73 3.05
CA HIS A 210 -14.99 -1.53 2.66
C HIS A 210 -15.23 -0.04 2.48
N ARG A 211 -15.69 0.36 1.31
CA ARG A 211 -15.79 1.78 1.01
C ARG A 211 -16.85 2.43 1.88
N ILE A 212 -16.57 3.63 2.36
CA ILE A 212 -17.53 4.34 3.22
C ILE A 212 -18.60 5.00 2.37
#